data_7EF9
#
_entry.id   7EF9
#
_cell.length_a   71.660
_cell.length_b   108.496
_cell.length_c   158.527
_cell.angle_alpha   90.000
_cell.angle_beta   90.000
_cell.angle_gamma   90.000
#
_symmetry.space_group_name_H-M   'I 2 2 2'
#
loop_
_entity.id
_entity.type
_entity.pdbx_description
1 polymer 'Adenine DNA glycosylase'
2 polymer "DNA (5'-D(*AP*TP*GP*AP*GP*AP*CP*(8OG)P*GP*GP*GP*AP*CP*T)-3')"
3 polymer "DNA (5'-D(*TP*AP*GP*TP*CP*CP*CP*(3DR)P*GP*TP*CP*TP*C)-3')"
4 non-polymer 'IRON/SULFUR CLUSTER'
5 non-polymer 'ZINC ION'
6 non-polymer 'SULFATE ION'
7 non-polymer GLYCEROL
8 water water
#
loop_
_entity_poly.entity_id
_entity_poly.type
_entity_poly.pdbx_seq_one_letter_code
_entity_poly.pdbx_strand_id
1 'polypeptide(L)'
;GPGYQEELLQASVSPYHLFSDVADVTAFRSNLLSWYDQEKRDLPWRNLAKEEANSDRRAYAVWVSEVMLQQTQVATVIDY
YTRWMQKWPKLQDLASASLEEVNQLWSGLGYYSRGRRLQEGARKVVEELGGHMPRTAETLQQLLPGVGRYTAGAIASIAF
DQVTGVVDGNVLRVLCRVRAIGADPTSTLVSHHLWNLAQQLVDPARPGDFNQAAMELGATVCTPQRPLCSHCPVQSLCRA
YQRVQRGQLSALPGRPDIEECALNTRQCQLCLTSSSPWDPSMGVANFPRKASRRPPREEYSATCVVEQPGAIGGPLVLLV
QRPDSGLLAGLWEFPSVTLEPSEQHQHKALLQELQRWCGPLPAIRLQHLGEVIHIFSHIKLTYQVYSLALDQAPASTAPP
GARWLTWEEFCNAAVSTAMKKVFRMYEDHRQGTRKGSKRSQVCPPSSR
;
A
2 'polydeoxyribonucleotide' (DA)(DT)(DG)(DA)(DG)(DA)(DC)(8OG)(DG)(DG)(DG)(DA)(DC)(DT) B
3 'polydeoxyribonucleotide' (DT)(DA)(DG)(DT)(DC)(DC)(DC)(3DR)(DG)(DT)(DC)(DT)(DC)(DA) C
#
loop_
_chem_comp.id
_chem_comp.type
_chem_comp.name
_chem_comp.formula
3DR DNA linking 1',2'-DIDEOXYRIBOFURANOSE-5'-PHOSPHATE 'C5 H11 O6 P'
8OG DNA linking 8-OXO-2'-DEOXY-GUANOSINE-5'-MONOPHOSPHATE 'C10 H14 N5 O8 P'
DA DNA linking 2'-DEOXYADENOSINE-5'-MONOPHOSPHATE 'C10 H14 N5 O6 P'
DC DNA linking 2'-DEOXYCYTIDINE-5'-MONOPHOSPHATE 'C9 H14 N3 O7 P'
DG DNA linking 2'-DEOXYGUANOSINE-5'-MONOPHOSPHATE 'C10 H14 N5 O7 P'
DT DNA linking THYMIDINE-5'-MONOPHOSPHATE 'C10 H15 N2 O8 P'
GOL non-polymer GLYCEROL 'C3 H8 O3'
SF4 non-polymer 'IRON/SULFUR CLUSTER' 'Fe4 S4'
SO4 non-polymer 'SULFATE ION' 'O4 S -2'
ZN non-polymer 'ZINC ION' 'Zn 2'
#
# COMPACT_ATOMS: atom_id res chain seq x y z
N GLN A 10 25.20 -6.76 17.92
CA GLN A 10 26.22 -7.81 17.91
C GLN A 10 25.59 -9.17 17.59
N ALA A 11 26.45 -10.18 17.37
CA ALA A 11 26.00 -11.54 17.14
C ALA A 11 25.69 -12.28 18.44
N SER A 12 25.70 -11.59 19.58
CA SER A 12 25.47 -12.19 20.89
C SER A 12 24.02 -12.01 21.33
N VAL A 13 23.07 -12.33 20.46
CA VAL A 13 21.66 -12.33 20.83
C VAL A 13 21.33 -13.66 21.50
N SER A 14 20.39 -13.63 22.43
CA SER A 14 20.10 -14.81 23.23
C SER A 14 19.32 -15.84 22.41
N PRO A 15 19.53 -17.13 22.70
CA PRO A 15 18.77 -18.17 21.96
C PRO A 15 17.27 -18.04 22.12
N TYR A 16 16.81 -17.26 23.10
CA TYR A 16 15.38 -17.02 23.23
C TYR A 16 14.79 -16.34 22.00
N HIS A 17 15.58 -15.51 21.32
CA HIS A 17 15.15 -14.82 20.11
C HIS A 17 15.63 -15.48 18.83
N LEU A 18 16.33 -16.60 18.93
CA LEU A 18 16.86 -17.29 17.78
C LEU A 18 16.16 -18.63 17.61
N PHE A 19 16.32 -19.20 16.42
CA PHE A 19 15.97 -20.60 16.18
C PHE A 19 17.27 -21.39 16.15
N SER A 20 17.81 -21.68 17.34
CA SER A 20 19.06 -22.41 17.46
C SER A 20 18.90 -23.91 17.23
N ASP A 21 17.66 -24.41 17.23
CA ASP A 21 17.39 -25.83 17.09
C ASP A 21 16.84 -26.07 15.69
N VAL A 22 17.57 -26.86 14.89
CA VAL A 22 17.14 -27.10 13.52
C VAL A 22 15.80 -27.82 13.50
N ALA A 23 15.51 -28.63 14.52
CA ALA A 23 14.21 -29.28 14.61
C ALA A 23 13.09 -28.24 14.64
N ASP A 24 13.31 -27.12 15.34
CA ASP A 24 12.32 -26.04 15.34
C ASP A 24 12.15 -25.44 13.95
N VAL A 25 13.26 -25.26 13.23
CA VAL A 25 13.15 -24.69 11.89
C VAL A 25 12.41 -25.65 10.97
N THR A 26 12.76 -26.93 11.03
CA THR A 26 12.06 -27.92 10.23
C THR A 26 10.57 -27.91 10.53
N ALA A 27 10.21 -27.85 11.81
CA ALA A 27 8.81 -27.93 12.19
C ALA A 27 8.06 -26.66 11.83
N PHE A 28 8.71 -25.50 11.98
CA PHE A 28 8.08 -24.24 11.57
C PHE A 28 7.69 -24.29 10.09
N ARG A 29 8.61 -24.71 9.23
CA ARG A 29 8.31 -24.76 7.80
C ARG A 29 7.19 -25.77 7.50
N SER A 30 7.29 -26.97 8.05
CA SER A 30 6.31 -28.01 7.75
CA SER A 30 6.31 -28.00 7.75
CA SER A 30 6.31 -28.01 7.75
C SER A 30 4.93 -27.63 8.27
N ASN A 31 4.86 -27.12 9.50
CA ASN A 31 3.57 -26.76 10.07
C ASN A 31 2.91 -25.63 9.29
N LEU A 32 3.70 -24.60 8.95
CA LEU A 32 3.16 -23.45 8.24
C LEU A 32 2.68 -23.85 6.84
N LEU A 33 3.51 -24.58 6.10
CA LEU A 33 3.15 -24.98 4.74
C LEU A 33 1.98 -25.96 4.71
N SER A 34 1.87 -26.84 5.71
N SER A 34 1.87 -26.84 5.71
CA SER A 34 0.72 -27.74 5.77
CA SER A 34 0.72 -27.74 5.76
C SER A 34 -0.57 -26.96 6.00
C SER A 34 -0.57 -26.95 5.99
N TRP A 35 -0.51 -25.95 6.88
CA TRP A 35 -1.66 -25.07 7.08
C TRP A 35 -1.99 -24.29 5.82
N TYR A 36 -0.98 -23.77 5.14
CA TYR A 36 -1.19 -23.07 3.88
C TYR A 36 -1.86 -23.98 2.85
N ASP A 37 -1.39 -25.22 2.75
CA ASP A 37 -1.91 -26.11 1.73
C ASP A 37 -3.36 -26.51 1.98
N GLN A 38 -3.89 -26.32 3.19
CA GLN A 38 -5.30 -26.56 3.40
C GLN A 38 -6.12 -25.29 3.60
N GLU A 39 -5.48 -24.13 3.80
CA GLU A 39 -6.20 -22.90 4.07
C GLU A 39 -6.06 -21.79 3.03
N LYS A 40 -5.17 -21.93 2.04
CA LYS A 40 -4.74 -20.76 1.27
C LYS A 40 -5.91 -20.11 0.53
N ARG A 41 -5.93 -18.78 0.56
CA ARG A 41 -6.96 -18.00 -0.12
CA ARG A 41 -6.96 -18.02 -0.12
C ARG A 41 -6.78 -18.11 -1.64
N ASP A 42 -7.90 -18.02 -2.36
CA ASP A 42 -7.88 -18.03 -3.81
C ASP A 42 -7.68 -16.59 -4.28
N LEU A 43 -6.57 -16.34 -4.97
CA LEU A 43 -6.22 -14.99 -5.41
C LEU A 43 -5.83 -15.03 -6.88
N PRO A 44 -6.22 -14.03 -7.66
CA PRO A 44 -5.95 -14.11 -9.11
C PRO A 44 -4.47 -14.20 -9.45
N TRP A 45 -3.59 -13.54 -8.69
CA TRP A 45 -2.18 -13.61 -9.01
C TRP A 45 -1.59 -14.98 -8.71
N ARG A 46 -2.14 -15.70 -7.73
CA ARG A 46 -1.73 -17.09 -7.54
C ARG A 46 -2.16 -17.95 -8.73
N ASN A 47 -3.36 -17.70 -9.26
CA ASN A 47 -3.84 -18.50 -10.36
C ASN A 47 -3.04 -18.23 -11.63
N LEU A 48 -2.76 -16.96 -11.93
CA LEU A 48 -1.93 -16.65 -13.09
C LEU A 48 -0.53 -17.25 -12.94
N ALA A 49 0.05 -17.15 -11.74
CA ALA A 49 1.43 -17.59 -11.54
C ALA A 49 1.55 -19.10 -11.70
N LYS A 50 0.59 -19.86 -11.15
CA LYS A 50 0.70 -21.31 -11.15
C LYS A 50 0.68 -21.89 -12.57
N GLU A 51 0.06 -21.18 -13.50
CA GLU A 51 -0.21 -21.72 -14.82
C GLU A 51 0.63 -21.08 -15.92
N GLU A 52 1.49 -20.12 -15.59
CA GLU A 52 2.29 -19.42 -16.59
C GLU A 52 3.70 -20.01 -16.58
N ALA A 53 4.00 -20.84 -17.59
CA ALA A 53 5.31 -21.47 -17.68
C ALA A 53 6.40 -20.51 -18.15
N ASN A 54 6.04 -19.42 -18.83
CA ASN A 54 7.05 -18.47 -19.25
C ASN A 54 7.49 -17.62 -18.05
N SER A 55 8.80 -17.61 -17.78
CA SER A 55 9.33 -16.98 -16.57
C SER A 55 9.08 -15.47 -16.56
N ASP A 56 9.20 -14.81 -17.71
CA ASP A 56 9.02 -13.36 -17.75
C ASP A 56 7.57 -12.99 -17.55
N ARG A 57 6.66 -13.69 -18.23
N ARG A 57 6.66 -13.67 -18.25
CA ARG A 57 5.24 -13.43 -18.03
CA ARG A 57 5.23 -13.44 -18.05
C ARG A 57 4.81 -13.76 -16.62
C ARG A 57 4.84 -13.75 -16.61
N ARG A 58 5.40 -14.81 -16.04
CA ARG A 58 5.05 -15.18 -14.67
C ARG A 58 5.50 -14.11 -13.69
N ALA A 59 6.73 -13.64 -13.86
CA ALA A 59 7.25 -12.60 -12.97
C ALA A 59 6.47 -11.30 -13.10
N TYR A 60 6.07 -10.93 -14.33
CA TYR A 60 5.26 -9.74 -14.52
C TYR A 60 3.97 -9.79 -13.69
N ALA A 61 3.23 -10.90 -13.80
CA ALA A 61 1.99 -11.04 -13.04
C ALA A 61 2.24 -10.93 -11.53
N VAL A 62 3.35 -11.52 -11.06
CA VAL A 62 3.68 -11.41 -9.64
C VAL A 62 4.07 -9.99 -9.28
N TRP A 63 4.91 -9.37 -10.12
CA TRP A 63 5.37 -8.00 -9.90
C TRP A 63 4.19 -7.04 -9.74
N VAL A 64 3.23 -7.08 -10.67
CA VAL A 64 2.09 -6.17 -10.56
C VAL A 64 1.38 -6.34 -9.22
N SER A 65 1.11 -7.59 -8.84
CA SER A 65 0.36 -7.82 -7.61
C SER A 65 1.14 -7.32 -6.40
N GLU A 66 2.45 -7.53 -6.39
CA GLU A 66 3.23 -7.12 -5.23
C GLU A 66 3.37 -5.60 -5.13
N VAL A 67 3.41 -4.90 -6.26
CA VAL A 67 3.38 -3.43 -6.19
C VAL A 67 2.03 -2.95 -5.66
N MET A 68 0.92 -3.49 -6.18
CA MET A 68 -0.38 -3.07 -5.71
C MET A 68 -0.58 -3.38 -4.23
N LEU A 69 0.03 -4.45 -3.72
CA LEU A 69 -0.15 -4.83 -2.32
C LEU A 69 0.62 -3.95 -1.35
N GLN A 70 1.56 -3.14 -1.82
CA GLN A 70 2.33 -2.29 -0.91
C GLN A 70 1.39 -1.33 -0.18
N GLN A 71 1.35 -1.42 1.16
CA GLN A 71 0.51 -0.57 2.01
C GLN A 71 -0.96 -0.57 1.57
N THR A 72 -1.44 -1.71 1.06
CA THR A 72 -2.80 -1.83 0.53
C THR A 72 -3.30 -3.24 0.82
N GLN A 73 -4.52 -3.37 1.31
CA GLN A 73 -5.02 -4.67 1.72
C GLN A 73 -5.43 -5.51 0.52
N VAL A 74 -5.25 -6.84 0.67
CA VAL A 74 -5.54 -7.78 -0.40
C VAL A 74 -6.95 -7.57 -0.95
N ALA A 75 -7.92 -7.35 -0.06
CA ALA A 75 -9.30 -7.21 -0.50
C ALA A 75 -9.49 -6.02 -1.45
N THR A 76 -8.69 -4.96 -1.24
CA THR A 76 -8.72 -3.79 -2.13
C THR A 76 -8.07 -4.09 -3.47
N VAL A 77 -6.96 -4.84 -3.45
CA VAL A 77 -6.14 -5.03 -4.64
C VAL A 77 -6.84 -5.90 -5.69
N ILE A 78 -7.64 -6.88 -5.26
CA ILE A 78 -8.12 -7.92 -6.17
C ILE A 78 -8.74 -7.33 -7.43
N ASP A 79 -9.68 -6.41 -7.28
CA ASP A 79 -10.37 -5.86 -8.45
C ASP A 79 -9.44 -5.01 -9.31
N TYR A 80 -8.57 -4.21 -8.70
CA TYR A 80 -7.59 -3.45 -9.47
C TYR A 80 -6.67 -4.38 -10.25
N TYR A 81 -6.24 -5.48 -9.61
CA TYR A 81 -5.32 -6.39 -10.26
C TYR A 81 -5.94 -6.99 -11.51
N THR A 82 -7.19 -7.45 -11.38
CA THR A 82 -7.87 -8.05 -12.52
C THR A 82 -8.04 -7.04 -13.66
N ARG A 83 -8.52 -5.83 -13.34
CA ARG A 83 -8.63 -4.79 -14.36
C ARG A 83 -7.28 -4.57 -15.07
N TRP A 84 -6.20 -4.42 -14.29
CA TRP A 84 -4.88 -4.17 -14.86
C TRP A 84 -4.45 -5.32 -15.77
N MET A 85 -4.51 -6.56 -15.27
CA MET A 85 -4.00 -7.67 -16.07
C MET A 85 -4.86 -7.89 -17.31
N GLN A 86 -6.14 -7.53 -17.26
CA GLN A 86 -6.95 -7.67 -18.47
C GLN A 86 -6.63 -6.58 -19.49
N LYS A 87 -6.30 -5.36 -19.04
CA LYS A 87 -5.94 -4.31 -19.98
C LYS A 87 -4.54 -4.50 -20.53
N TRP A 88 -3.58 -4.87 -19.67
CA TRP A 88 -2.18 -5.03 -20.05
C TRP A 88 -1.71 -6.43 -19.66
N PRO A 89 -2.07 -7.45 -20.45
CA PRO A 89 -1.70 -8.84 -20.09
C PRO A 89 -0.21 -9.11 -20.09
N LYS A 90 0.59 -8.35 -20.85
CA LYS A 90 2.01 -8.62 -20.95
C LYS A 90 2.82 -7.36 -20.68
N LEU A 91 4.08 -7.57 -20.31
CA LEU A 91 5.04 -6.48 -20.19
C LEU A 91 4.98 -5.55 -21.38
N GLN A 92 4.92 -6.15 -22.59
CA GLN A 92 4.90 -5.37 -23.83
C GLN A 92 3.70 -4.43 -23.89
N ASP A 93 2.55 -4.88 -23.37
CA ASP A 93 1.36 -4.03 -23.42
C ASP A 93 1.51 -2.86 -22.46
N LEU A 94 2.04 -3.13 -21.27
CA LEU A 94 2.22 -2.08 -20.28
C LEU A 94 3.26 -1.07 -20.76
N ALA A 95 4.34 -1.55 -21.40
CA ALA A 95 5.40 -0.66 -21.83
C ALA A 95 4.89 0.39 -22.82
N SER A 96 3.88 0.05 -23.63
CA SER A 96 3.32 0.97 -24.60
C SER A 96 2.23 1.88 -24.04
N ALA A 97 1.78 1.63 -22.81
CA ALA A 97 0.74 2.44 -22.23
C ALA A 97 1.26 3.83 -21.89
N SER A 98 0.34 4.80 -21.82
CA SER A 98 0.69 6.13 -21.38
C SER A 98 0.57 6.21 -19.86
N LEU A 99 1.30 7.15 -19.26
CA LEU A 99 1.15 7.37 -17.82
C LEU A 99 -0.27 7.79 -17.49
N GLU A 100 -0.90 8.57 -18.38
CA GLU A 100 -2.28 8.96 -18.17
C GLU A 100 -3.19 7.74 -18.04
N GLU A 101 -2.97 6.73 -18.89
CA GLU A 101 -3.76 5.50 -18.80
C GLU A 101 -3.46 4.74 -17.52
N VAL A 102 -2.20 4.76 -17.06
CA VAL A 102 -1.85 4.10 -15.82
C VAL A 102 -2.56 4.76 -14.64
N ASN A 103 -2.56 6.10 -14.61
CA ASN A 103 -3.23 6.83 -13.54
C ASN A 103 -4.74 6.60 -13.54
N GLN A 104 -5.34 6.43 -14.73
CA GLN A 104 -6.74 6.08 -14.80
C GLN A 104 -7.02 4.76 -14.10
N LEU A 105 -6.21 3.74 -14.39
CA LEU A 105 -6.43 2.45 -13.74
C LEU A 105 -6.09 2.49 -12.25
N TRP A 106 -5.09 3.28 -11.87
CA TRP A 106 -4.72 3.37 -10.46
C TRP A 106 -5.71 4.17 -9.63
N SER A 107 -6.61 4.93 -10.25
CA SER A 107 -7.45 5.89 -9.55
C SER A 107 -8.16 5.23 -8.38
N GLY A 108 -7.91 5.74 -7.19
CA GLY A 108 -8.54 5.24 -5.98
C GLY A 108 -7.70 4.27 -5.19
N LEU A 109 -6.58 3.81 -5.74
CA LEU A 109 -5.72 2.85 -5.06
C LEU A 109 -4.73 3.51 -4.12
N GLY A 110 -4.37 4.77 -4.37
CA GLY A 110 -3.48 5.50 -3.49
C GLY A 110 -2.01 5.24 -3.80
N TYR A 111 -1.16 6.11 -3.24
CA TYR A 111 0.27 6.11 -3.48
C TYR A 111 0.57 5.91 -4.96
N TYR A 112 0.25 6.94 -5.77
CA TYR A 112 0.18 6.79 -7.22
C TYR A 112 1.53 6.62 -7.90
N SER A 113 2.64 7.04 -7.27
CA SER A 113 3.94 6.81 -7.90
CA SER A 113 3.95 6.80 -7.88
C SER A 113 4.22 5.32 -8.09
N ARG A 114 3.56 4.45 -7.32
CA ARG A 114 3.71 3.01 -7.57
C ARG A 114 3.33 2.67 -9.01
N GLY A 115 2.24 3.24 -9.50
CA GLY A 115 1.79 2.91 -10.85
C GLY A 115 2.76 3.43 -11.89
N ARG A 116 3.19 4.68 -11.75
CA ARG A 116 4.17 5.25 -12.67
C ARG A 116 5.44 4.40 -12.73
N ARG A 117 5.97 4.02 -11.56
CA ARG A 117 7.23 3.29 -11.54
C ARG A 117 7.07 1.89 -12.13
N LEU A 118 5.93 1.25 -11.89
CA LEU A 118 5.64 -0.04 -12.50
C LEU A 118 5.67 0.05 -14.03
N GLN A 119 5.06 1.09 -14.60
CA GLN A 119 5.11 1.26 -16.05
C GLN A 119 6.53 1.57 -16.53
N GLU A 120 7.25 2.44 -15.81
CA GLU A 120 8.62 2.74 -16.18
C GLU A 120 9.49 1.48 -16.16
N GLY A 121 9.29 0.65 -15.14
CA GLY A 121 10.04 -0.60 -15.07
C GLY A 121 9.74 -1.52 -16.23
N ALA A 122 8.46 -1.67 -16.57
CA ALA A 122 8.10 -2.55 -17.68
C ALA A 122 8.70 -2.02 -18.98
N ARG A 123 8.65 -0.72 -19.17
CA ARG A 123 9.27 -0.11 -20.34
C ARG A 123 10.77 -0.40 -20.38
N LYS A 124 11.46 -0.28 -19.24
CA LYS A 124 12.88 -0.64 -19.18
C LYS A 124 13.09 -2.11 -19.54
N VAL A 125 12.31 -3.01 -18.93
CA VAL A 125 12.47 -4.44 -19.22
C VAL A 125 12.31 -4.71 -20.71
N VAL A 126 11.26 -4.15 -21.34
CA VAL A 126 10.99 -4.44 -22.75
C VAL A 126 12.01 -3.75 -23.65
N GLU A 127 12.29 -2.47 -23.40
CA GLU A 127 13.08 -1.68 -24.34
C GLU A 127 14.58 -1.76 -24.08
N GLU A 128 15.01 -2.15 -22.89
CA GLU A 128 16.44 -2.26 -22.62
C GLU A 128 16.89 -3.67 -22.33
N LEU A 129 16.01 -4.55 -21.85
CA LEU A 129 16.40 -5.90 -21.46
C LEU A 129 15.69 -6.96 -22.30
N GLY A 130 15.25 -6.60 -23.50
CA GLY A 130 14.68 -7.57 -24.42
C GLY A 130 13.45 -8.27 -23.92
N GLY A 131 12.74 -7.69 -22.95
CA GLY A 131 11.57 -8.31 -22.37
C GLY A 131 11.86 -9.26 -21.22
N HIS A 132 13.11 -9.38 -20.79
CA HIS A 132 13.53 -10.39 -19.84
C HIS A 132 13.65 -9.75 -18.45
N MET A 133 12.88 -10.26 -17.51
CA MET A 133 12.97 -9.80 -16.13
C MET A 133 14.28 -10.28 -15.51
N PRO A 134 14.93 -9.46 -14.70
CA PRO A 134 16.05 -9.95 -13.88
C PRO A 134 15.58 -11.08 -12.98
N ARG A 135 16.52 -11.96 -12.60
CA ARG A 135 16.14 -13.26 -12.06
C ARG A 135 16.58 -13.48 -10.61
N THR A 136 17.13 -12.47 -9.95
CA THR A 136 17.45 -12.58 -8.52
C THR A 136 16.89 -11.37 -7.80
N ALA A 137 16.68 -11.52 -6.49
CA ALA A 137 16.22 -10.39 -5.68
C ALA A 137 17.16 -9.20 -5.81
N GLU A 138 18.46 -9.44 -5.78
CA GLU A 138 19.43 -8.35 -5.83
C GLU A 138 19.31 -7.56 -7.12
N THR A 139 19.22 -8.25 -8.27
CA THR A 139 19.13 -7.52 -9.53
C THR A 139 17.74 -6.94 -9.78
N LEU A 140 16.67 -7.58 -9.30
CA LEU A 140 15.35 -6.97 -9.39
C LEU A 140 15.32 -5.65 -8.61
N GLN A 141 15.86 -5.65 -7.40
CA GLN A 141 15.86 -4.42 -6.61
C GLN A 141 16.70 -3.33 -7.28
N GLN A 142 17.87 -3.70 -7.80
CA GLN A 142 18.78 -2.72 -8.39
C GLN A 142 18.21 -2.11 -9.66
N LEU A 143 17.58 -2.91 -10.51
CA LEU A 143 17.25 -2.48 -11.86
C LEU A 143 15.82 -1.97 -12.03
N LEU A 144 14.89 -2.34 -11.16
CA LEU A 144 13.49 -1.98 -11.40
C LEU A 144 13.04 -0.88 -10.44
N PRO A 145 12.63 0.28 -10.95
CA PRO A 145 12.09 1.32 -10.06
C PRO A 145 10.81 0.82 -9.38
N GLY A 146 10.61 1.24 -8.13
CA GLY A 146 9.46 0.80 -7.38
C GLY A 146 9.61 -0.55 -6.73
N VAL A 147 10.70 -1.26 -7.01
CA VAL A 147 10.92 -2.59 -6.47
C VAL A 147 12.01 -2.46 -5.41
N GLY A 148 11.61 -2.52 -4.14
CA GLY A 148 12.54 -2.47 -3.04
C GLY A 148 12.88 -3.88 -2.57
N ARG A 149 13.43 -3.96 -1.36
CA ARG A 149 13.86 -5.26 -0.84
C ARG A 149 12.69 -6.24 -0.73
N TYR A 150 11.53 -5.78 -0.24
CA TYR A 150 10.39 -6.69 -0.13
C TYR A 150 9.93 -7.19 -1.50
N THR A 151 9.61 -6.26 -2.40
CA THR A 151 9.04 -6.66 -3.70
C THR A 151 10.02 -7.53 -4.50
N ALA A 152 11.32 -7.23 -4.41
CA ALA A 152 12.30 -8.03 -5.12
C ALA A 152 12.34 -9.46 -4.60
N GLY A 153 12.31 -9.62 -3.27
CA GLY A 153 12.31 -10.96 -2.69
C GLY A 153 11.02 -11.71 -2.96
N ALA A 154 9.90 -10.99 -2.99
CA ALA A 154 8.63 -11.63 -3.33
C ALA A 154 8.64 -12.15 -4.76
N ILE A 155 9.03 -11.29 -5.71
CA ILE A 155 9.11 -11.73 -7.11
C ILE A 155 10.08 -12.90 -7.23
N ALA A 156 11.29 -12.76 -6.68
CA ALA A 156 12.31 -13.79 -6.89
C ALA A 156 11.88 -15.14 -6.32
N SER A 157 11.29 -15.15 -5.12
CA SER A 157 10.92 -16.41 -4.50
C SER A 157 9.67 -17.01 -5.16
N ILE A 158 8.65 -16.18 -5.39
CA ILE A 158 7.38 -16.69 -5.95
C ILE A 158 7.55 -17.07 -7.42
N ALA A 159 8.15 -16.18 -8.21
CA ALA A 159 8.23 -16.38 -9.66
C ALA A 159 9.40 -17.25 -10.08
N PHE A 160 10.54 -17.20 -9.37
CA PHE A 160 11.76 -17.87 -9.80
C PHE A 160 12.26 -18.91 -8.81
N ASP A 161 11.54 -19.17 -7.73
CA ASP A 161 11.91 -20.20 -6.76
C ASP A 161 13.22 -19.87 -6.05
N GLN A 162 13.61 -18.60 -6.01
CA GLN A 162 14.83 -18.25 -5.27
C GLN A 162 14.57 -18.40 -3.78
N VAL A 163 15.55 -18.92 -3.07
CA VAL A 163 15.40 -19.17 -1.61
C VAL A 163 15.77 -17.85 -0.93
N THR A 164 14.80 -16.96 -0.82
CA THR A 164 15.05 -15.67 -0.20
C THR A 164 13.83 -15.27 0.61
N GLY A 165 14.04 -14.96 1.89
CA GLY A 165 12.92 -14.63 2.77
C GLY A 165 12.58 -13.15 2.71
N VAL A 166 11.32 -12.83 3.01
CA VAL A 166 10.86 -11.45 2.98
C VAL A 166 10.21 -11.09 4.30
N VAL A 167 10.24 -9.80 4.61
CA VAL A 167 9.59 -9.25 5.81
C VAL A 167 8.70 -8.08 5.35
N ASP A 168 7.39 -8.33 5.24
CA ASP A 168 6.39 -7.29 5.11
C ASP A 168 5.82 -7.02 6.50
N GLY A 169 4.78 -6.19 6.59
CA GLY A 169 4.16 -5.93 7.88
C GLY A 169 3.66 -7.19 8.56
N ASN A 170 3.05 -8.10 7.78
CA ASN A 170 2.53 -9.34 8.35
C ASN A 170 3.65 -10.20 8.93
N VAL A 171 4.71 -10.42 8.15
CA VAL A 171 5.81 -11.27 8.64
C VAL A 171 6.49 -10.61 9.84
N LEU A 172 6.58 -9.28 9.84
CA LEU A 172 7.17 -8.59 10.98
C LEU A 172 6.40 -8.93 12.26
N ARG A 173 5.07 -8.86 12.19
CA ARG A 173 4.24 -9.13 13.37
C ARG A 173 4.39 -10.59 13.80
N VAL A 174 4.32 -11.52 12.84
CA VAL A 174 4.45 -12.94 13.15
C VAL A 174 5.79 -13.22 13.83
N LEU A 175 6.89 -12.70 13.24
CA LEU A 175 8.21 -13.01 13.78
C LEU A 175 8.42 -12.36 15.14
N CYS A 176 7.88 -11.15 15.34
CA CYS A 176 8.06 -10.49 16.64
C CYS A 176 7.31 -11.21 17.75
N ARG A 177 6.21 -11.89 17.42
CA ARG A 177 5.56 -12.72 18.41
C ARG A 177 6.25 -14.07 18.54
N VAL A 178 6.57 -14.72 17.42
CA VAL A 178 7.15 -16.05 17.48
C VAL A 178 8.47 -16.05 18.24
N ARG A 179 9.24 -14.96 18.15
CA ARG A 179 10.50 -14.86 18.88
C ARG A 179 10.48 -13.74 19.91
N ALA A 180 9.30 -13.25 20.28
CA ALA A 180 9.12 -12.35 21.41
C ALA A 180 10.05 -11.13 21.33
N ILE A 181 10.03 -10.46 20.18
CA ILE A 181 10.81 -9.25 19.97
C ILE A 181 9.90 -8.06 20.26
N GLY A 182 10.20 -7.33 21.33
CA GLY A 182 9.36 -6.22 21.74
C GLY A 182 10.00 -4.85 21.58
N ALA A 183 11.26 -4.82 21.17
CA ALA A 183 11.90 -3.55 20.88
C ALA A 183 11.28 -2.91 19.64
N ASP A 184 11.51 -1.60 19.49
CA ASP A 184 11.07 -0.84 18.32
C ASP A 184 11.46 -1.60 17.07
N PRO A 185 10.50 -2.11 16.29
CA PRO A 185 10.86 -2.92 15.11
C PRO A 185 11.37 -2.10 13.93
N THR A 186 11.26 -0.77 13.96
CA THR A 186 11.75 0.05 12.86
C THR A 186 13.25 0.33 12.94
N SER A 187 13.89 -0.01 14.06
CA SER A 187 15.31 0.27 14.20
C SER A 187 16.14 -0.65 13.32
N THR A 188 17.35 -0.18 12.99
CA THR A 188 18.25 -0.98 12.15
C THR A 188 18.52 -2.35 12.74
N LEU A 189 18.73 -2.40 14.06
CA LEU A 189 19.09 -3.66 14.71
C LEU A 189 17.95 -4.67 14.64
N VAL A 190 16.74 -4.26 15.02
CA VAL A 190 15.61 -5.19 15.01
C VAL A 190 15.29 -5.62 13.58
N SER A 191 15.34 -4.67 12.64
CA SER A 191 15.06 -4.98 11.24
C SER A 191 16.03 -6.03 10.70
N HIS A 192 17.33 -5.87 11.01
N HIS A 192 17.33 -5.87 10.99
CA HIS A 192 18.32 -6.85 10.56
CA HIS A 192 18.30 -6.85 10.55
C HIS A 192 18.03 -8.22 11.14
C HIS A 192 18.01 -8.23 11.14
N HIS A 193 17.63 -8.28 12.42
CA HIS A 193 17.32 -9.56 13.04
C HIS A 193 16.10 -10.21 12.38
N LEU A 194 15.08 -9.41 12.03
CA LEU A 194 13.89 -9.99 11.41
C LEU A 194 14.22 -10.54 10.03
N TRP A 195 15.04 -9.84 9.26
CA TRP A 195 15.40 -10.36 7.93
C TRP A 195 16.25 -11.62 8.06
N ASN A 196 17.15 -11.66 9.06
CA ASN A 196 17.93 -12.87 9.30
C ASN A 196 17.03 -14.06 9.65
N LEU A 197 16.04 -13.85 10.52
CA LEU A 197 15.08 -14.91 10.82
C LEU A 197 14.34 -15.36 9.56
N ALA A 198 13.87 -14.39 8.76
CA ALA A 198 13.16 -14.73 7.54
C ALA A 198 14.05 -15.54 6.61
N GLN A 199 15.33 -15.18 6.51
CA GLN A 199 16.23 -15.92 5.61
C GLN A 199 16.56 -17.31 6.16
N GLN A 200 16.67 -17.45 7.48
CA GLN A 200 16.87 -18.77 8.06
C GLN A 200 15.66 -19.69 7.84
N LEU A 201 14.45 -19.14 7.97
CA LEU A 201 13.25 -19.98 8.03
C LEU A 201 12.72 -20.35 6.65
N VAL A 202 12.90 -19.49 5.65
CA VAL A 202 12.26 -19.71 4.35
C VAL A 202 12.57 -21.11 3.85
N ASP A 203 11.53 -21.82 3.45
CA ASP A 203 11.68 -23.22 3.06
C ASP A 203 12.52 -23.31 1.78
N PRO A 204 13.62 -24.07 1.78
CA PRO A 204 14.46 -24.12 0.57
C PRO A 204 13.80 -24.79 -0.61
N ALA A 205 12.83 -25.68 -0.38
CA ALA A 205 12.15 -26.34 -1.48
C ALA A 205 10.97 -25.54 -1.99
N ARG A 206 10.27 -24.82 -1.11
CA ARG A 206 9.09 -24.04 -1.48
C ARG A 206 9.19 -22.63 -0.91
N PRO A 207 10.19 -21.84 -1.34
CA PRO A 207 10.38 -20.52 -0.70
C PRO A 207 9.27 -19.54 -1.00
N GLY A 208 8.75 -19.53 -2.24
CA GLY A 208 7.62 -18.66 -2.54
C GLY A 208 6.39 -18.99 -1.73
N ASP A 209 5.99 -20.27 -1.71
CA ASP A 209 4.83 -20.68 -0.92
C ASP A 209 5.06 -20.40 0.57
N PHE A 210 6.29 -20.60 1.05
CA PHE A 210 6.54 -20.29 2.46
C PHE A 210 6.30 -18.81 2.73
N ASN A 211 6.91 -17.94 1.91
CA ASN A 211 6.72 -16.50 2.08
C ASN A 211 5.24 -16.14 2.04
N GLN A 212 4.52 -16.63 1.02
CA GLN A 212 3.09 -16.34 0.95
C GLN A 212 2.37 -16.88 2.18
N ALA A 213 2.77 -18.05 2.68
CA ALA A 213 2.09 -18.61 3.84
C ALA A 213 2.31 -17.74 5.08
N ALA A 214 3.55 -17.27 5.28
CA ALA A 214 3.84 -16.46 6.45
C ALA A 214 3.04 -15.16 6.42
N MET A 215 2.96 -14.52 5.25
CA MET A 215 2.19 -13.29 5.14
C MET A 215 0.70 -13.55 5.35
N GLU A 216 0.17 -14.64 4.80
CA GLU A 216 -1.25 -14.92 4.97
C GLU A 216 -1.57 -15.32 6.41
N LEU A 217 -0.63 -15.96 7.11
CA LEU A 217 -0.79 -16.20 8.55
C LEU A 217 -0.98 -14.89 9.30
N GLY A 218 -0.06 -13.93 9.08
CA GLY A 218 -0.21 -12.63 9.73
C GLY A 218 -1.46 -11.88 9.34
N ALA A 219 -2.05 -12.20 8.18
CA ALA A 219 -3.25 -11.52 7.74
C ALA A 219 -4.54 -12.16 8.26
N THR A 220 -4.53 -13.47 8.51
CA THR A 220 -5.76 -14.21 8.82
C THR A 220 -5.77 -14.91 10.16
N VAL A 221 -4.61 -15.12 10.79
CA VAL A 221 -4.56 -15.84 12.06
C VAL A 221 -3.84 -14.97 13.08
N CYS A 222 -2.60 -14.59 12.77
CA CYS A 222 -1.78 -13.77 13.66
C CYS A 222 -2.00 -12.28 13.40
N THR A 223 -3.23 -11.86 13.64
CA THR A 223 -3.71 -10.55 13.23
C THR A 223 -3.29 -9.48 14.24
N PRO A 224 -3.38 -8.19 13.86
CA PRO A 224 -2.96 -7.12 14.78
C PRO A 224 -3.63 -7.19 16.14
N GLN A 225 -4.94 -7.33 16.19
CA GLN A 225 -5.67 -7.51 17.43
C GLN A 225 -6.34 -8.88 17.44
N ARG A 226 -6.54 -9.41 18.64
CA ARG A 226 -7.22 -10.67 18.91
C ARG A 226 -6.80 -11.77 17.92
N PRO A 227 -5.53 -12.15 17.90
CA PRO A 227 -5.10 -13.22 16.98
C PRO A 227 -5.68 -14.57 17.40
N LEU A 228 -5.77 -15.45 16.41
CA LEU A 228 -6.45 -16.75 16.56
C LEU A 228 -5.44 -17.83 16.94
N CYS A 229 -4.82 -17.66 18.11
CA CYS A 229 -3.76 -18.57 18.54
C CYS A 229 -4.25 -20.01 18.57
N SER A 230 -5.50 -20.23 18.97
CA SER A 230 -6.02 -21.60 19.01
C SER A 230 -6.11 -22.21 17.61
N HIS A 231 -6.06 -21.39 16.58
CA HIS A 231 -6.10 -21.88 15.21
C HIS A 231 -4.73 -21.83 14.58
N CYS A 232 -3.71 -21.39 15.31
CA CYS A 232 -2.34 -21.20 14.72
C CYS A 232 -1.56 -22.53 14.55
N PRO A 233 -0.97 -22.72 13.35
CA PRO A 233 -0.14 -23.91 13.13
C PRO A 233 1.23 -23.86 13.79
N VAL A 234 1.75 -22.67 14.11
CA VAL A 234 3.07 -22.55 14.72
C VAL A 234 2.96 -22.24 16.21
N GLN A 235 1.82 -22.58 16.82
CA GLN A 235 1.55 -22.24 18.22
C GLN A 235 2.63 -22.76 19.16
N SER A 236 3.05 -24.01 18.97
CA SER A 236 4.02 -24.63 19.88
C SER A 236 5.40 -23.99 19.78
N LEU A 237 5.65 -23.23 18.73
CA LEU A 237 6.94 -22.62 18.55
C LEU A 237 6.97 -21.16 18.79
N CYS A 238 5.88 -20.61 19.29
CA CYS A 238 5.76 -19.19 19.51
C CYS A 238 6.09 -18.77 20.91
N ARG A 239 7.12 -17.96 21.06
CA ARG A 239 7.51 -17.46 22.35
C ARG A 239 6.42 -16.69 23.03
N ALA A 240 5.70 -15.88 22.24
CA ALA A 240 4.61 -15.06 22.76
C ALA A 240 3.54 -15.95 23.36
N TYR A 241 3.15 -16.99 22.63
CA TYR A 241 2.13 -17.92 23.12
C TYR A 241 2.61 -18.68 24.35
N GLN A 242 3.85 -19.17 24.31
CA GLN A 242 4.41 -19.88 25.47
C GLN A 242 4.35 -19.02 26.73
N ARG A 243 4.65 -17.73 26.61
CA ARG A 243 4.67 -16.88 27.78
C ARG A 243 3.27 -16.66 28.33
N VAL A 244 2.30 -16.43 27.44
CA VAL A 244 0.92 -16.24 27.89
C VAL A 244 0.44 -17.47 28.64
N GLN A 245 0.79 -18.66 28.16
CA GLN A 245 0.39 -19.89 28.83
C GLN A 245 1.08 -20.09 30.17
N ARG A 246 2.12 -19.31 30.46
CA ARG A 246 2.62 -19.26 31.83
C ARG A 246 1.78 -18.30 32.67
N GLY A 247 1.74 -17.02 32.27
CA GLY A 247 0.97 -16.04 33.00
C GLY A 247 1.49 -15.92 34.42
N GLN A 248 0.61 -16.10 35.40
CA GLN A 248 1.06 -16.36 36.76
C GLN A 248 1.71 -17.74 36.77
N LEU A 249 3.01 -17.79 36.52
CA LEU A 249 3.68 -19.02 36.10
C LEU A 249 3.54 -20.13 37.13
N SER A 250 3.95 -19.85 38.37
CA SER A 250 4.02 -20.86 39.42
C SER A 250 4.86 -22.06 38.98
N GLU A 259 11.26 -21.10 30.29
CA GLU A 259 11.88 -20.47 29.13
C GLU A 259 11.68 -18.95 29.13
N GLU A 260 12.78 -18.22 29.27
CA GLU A 260 12.75 -16.75 29.20
C GLU A 260 14.08 -16.28 28.62
N CYS A 261 14.20 -14.97 28.43
CA CYS A 261 15.42 -14.41 27.86
C CYS A 261 16.48 -14.26 28.93
N ALA A 262 17.62 -14.90 28.73
CA ALA A 262 18.69 -14.87 29.73
C ALA A 262 19.38 -13.52 29.77
N LEU A 263 19.61 -12.91 28.61
CA LEU A 263 20.39 -11.68 28.53
C LEU A 263 19.56 -10.41 28.75
N ASN A 264 18.32 -10.54 29.23
CA ASN A 264 17.49 -9.36 29.48
C ASN A 264 17.63 -8.90 30.93
N THR A 265 18.86 -8.60 31.30
CA THR A 265 19.15 -8.04 32.61
C THR A 265 19.99 -6.79 32.45
N ARG A 266 19.64 -5.74 33.18
CA ARG A 266 20.43 -4.51 33.20
C ARG A 266 21.86 -4.83 33.60
N GLN A 267 22.82 -4.34 32.81
CA GLN A 267 24.22 -4.54 33.14
C GLN A 267 24.56 -3.94 34.51
N CYS A 268 23.85 -2.90 34.91
CA CYS A 268 24.12 -2.20 36.17
C CYS A 268 23.29 -2.82 37.28
N GLN A 269 23.96 -3.43 38.26
CA GLN A 269 23.31 -4.06 39.40
C GLN A 269 23.14 -3.11 40.58
N LEU A 270 23.34 -1.80 40.37
CA LEU A 270 23.21 -0.83 41.45
C LEU A 270 22.03 0.12 41.26
N CYS A 271 21.68 0.45 40.02
CA CYS A 271 20.50 1.27 39.77
C CYS A 271 19.24 0.56 40.27
N LEU A 272 18.15 1.33 40.36
CA LEU A 272 16.84 0.74 40.58
C LEU A 272 16.62 -0.37 39.56
N THR A 273 16.11 -1.51 40.01
CA THR A 273 15.86 -2.61 39.09
C THR A 273 14.65 -2.26 38.23
N SER A 274 14.84 -2.28 36.91
CA SER A 274 13.74 -1.95 36.04
C SER A 274 12.66 -3.03 36.11
N SER A 275 11.44 -2.64 35.76
CA SER A 275 10.30 -3.54 35.76
C SER A 275 9.85 -3.81 34.33
N SER A 276 9.24 -4.97 34.13
CA SER A 276 8.83 -5.37 32.79
C SER A 276 7.64 -4.54 32.33
N PRO A 277 7.70 -3.93 31.14
CA PRO A 277 6.51 -3.27 30.58
C PRO A 277 5.47 -4.23 30.04
N TRP A 278 5.61 -5.51 30.36
CA TRP A 278 4.67 -6.55 29.95
C TRP A 278 3.27 -6.24 30.47
N ASP A 279 2.30 -6.16 29.58
CA ASP A 279 0.92 -5.92 29.98
C ASP A 279 0.16 -7.24 29.90
N PRO A 280 -0.13 -7.90 31.03
CA PRO A 280 -0.79 -9.21 30.96
C PRO A 280 -2.09 -9.21 30.19
N SER A 281 -2.82 -8.08 30.21
CA SER A 281 -4.10 -7.99 29.52
C SER A 281 -3.96 -7.93 28.01
N MET A 282 -2.76 -7.74 27.48
CA MET A 282 -2.56 -7.74 26.03
C MET A 282 -2.07 -9.08 25.49
N GLY A 283 -1.58 -9.98 26.35
CA GLY A 283 -1.20 -11.31 25.90
C GLY A 283 -0.13 -11.28 24.82
N VAL A 284 -0.33 -12.09 23.78
CA VAL A 284 0.67 -12.15 22.72
C VAL A 284 0.78 -10.82 21.98
N ALA A 285 -0.23 -9.96 22.06
CA ALA A 285 -0.18 -8.66 21.39
C ALA A 285 0.72 -7.66 22.10
N ASN A 286 1.37 -8.05 23.20
CA ASN A 286 2.51 -7.28 23.68
C ASN A 286 3.57 -7.12 22.60
N PHE A 287 3.60 -8.02 21.62
CA PHE A 287 4.50 -7.94 20.50
C PHE A 287 3.71 -7.84 19.19
N PRO A 288 4.20 -7.06 18.21
CA PRO A 288 5.36 -6.18 18.31
C PRO A 288 4.99 -4.91 19.05
N ARG A 289 5.98 -4.08 19.38
CA ARG A 289 5.66 -2.79 19.95
C ARG A 289 4.88 -1.96 18.94
N LYS A 290 3.85 -1.28 19.40
CA LYS A 290 3.04 -0.46 18.50
C LYS A 290 3.79 0.81 18.12
N ALA A 291 3.76 1.14 16.84
CA ALA A 291 4.34 2.39 16.37
C ALA A 291 3.50 3.56 16.86
N SER A 292 4.12 4.48 17.61
CA SER A 292 3.41 5.67 18.05
C SER A 292 3.14 6.58 16.86
N ARG A 293 1.90 7.03 16.72
CA ARG A 293 1.46 7.76 15.54
C ARG A 293 1.29 9.22 15.87
N ARG A 294 1.84 10.08 15.00
CA ARG A 294 1.70 11.53 15.09
C ARG A 294 0.61 11.99 14.15
N PRO A 295 -0.34 12.80 14.62
CA PRO A 295 -1.47 13.19 13.76
C PRO A 295 -1.02 14.02 12.57
N PRO A 296 -1.80 14.05 11.50
CA PRO A 296 -1.39 14.80 10.32
C PRO A 296 -1.57 16.31 10.50
N ARG A 297 -0.83 17.07 9.69
CA ARG A 297 -0.96 18.52 9.68
C ARG A 297 -2.19 18.92 8.89
N GLU A 298 -2.87 19.97 9.35
CA GLU A 298 -4.08 20.44 8.69
C GLU A 298 -3.72 21.39 7.56
N GLU A 299 -4.32 21.18 6.41
CA GLU A 299 -4.21 22.09 5.27
C GLU A 299 -5.61 22.39 4.76
N TYR A 300 -5.74 23.50 4.04
CA TYR A 300 -7.03 24.01 3.62
C TYR A 300 -6.98 24.41 2.15
N SER A 301 -8.10 24.18 1.47
CA SER A 301 -8.19 24.50 0.05
C SER A 301 -9.63 24.87 -0.28
N ALA A 302 -9.79 25.58 -1.39
CA ALA A 302 -11.10 25.84 -1.97
C ALA A 302 -11.11 25.26 -3.37
N THR A 303 -12.23 24.63 -3.74
CA THR A 303 -12.36 23.99 -5.03
C THR A 303 -13.76 24.22 -5.57
N CYS A 304 -13.91 24.19 -6.90
CA CYS A 304 -15.18 24.51 -7.53
C CYS A 304 -15.43 23.59 -8.72
N VAL A 305 -16.62 23.00 -8.76
CA VAL A 305 -17.09 22.25 -9.92
C VAL A 305 -17.80 23.26 -10.83
N VAL A 306 -17.13 23.68 -11.89
CA VAL A 306 -17.76 24.53 -12.90
C VAL A 306 -18.42 23.61 -13.90
N GLU A 307 -19.67 23.91 -14.25
CA GLU A 307 -20.42 23.08 -15.18
C GLU A 307 -21.00 23.95 -16.29
N GLN A 308 -21.09 23.36 -17.47
CA GLN A 308 -21.79 23.94 -18.61
C GLN A 308 -22.70 22.86 -19.17
N PRO A 309 -23.78 23.25 -19.86
CA PRO A 309 -24.77 22.23 -20.27
C PRO A 309 -24.22 21.17 -21.21
N GLY A 310 -23.28 21.51 -22.10
CA GLY A 310 -22.83 20.52 -23.05
C GLY A 310 -23.92 20.16 -24.05
N ALA A 311 -23.87 18.94 -24.56
CA ALA A 311 -24.85 18.46 -25.52
C ALA A 311 -25.57 17.24 -24.95
N ILE A 312 -25.64 16.15 -25.72
CA ILE A 312 -26.17 14.90 -25.20
C ILE A 312 -25.19 14.34 -24.17
N GLY A 313 -25.72 13.87 -23.05
CA GLY A 313 -24.83 13.37 -22.01
C GLY A 313 -24.17 14.44 -21.17
N GLY A 314 -24.63 15.69 -21.24
CA GLY A 314 -24.16 16.71 -20.32
C GLY A 314 -24.77 16.53 -18.95
N PRO A 315 -24.45 17.47 -18.04
CA PRO A 315 -23.59 18.64 -18.24
C PRO A 315 -22.11 18.27 -18.22
N LEU A 316 -21.25 19.18 -18.67
CA LEU A 316 -19.81 18.94 -18.65
C LEU A 316 -19.19 19.69 -17.47
N VAL A 317 -18.19 19.08 -16.83
CA VAL A 317 -17.51 19.70 -15.69
C VAL A 317 -16.04 19.89 -16.02
N LEU A 318 -15.45 20.95 -15.45
CA LEU A 318 -14.10 21.36 -15.79
C LEU A 318 -13.08 20.64 -14.91
N LEU A 319 -12.12 19.96 -15.54
CA LEU A 319 -11.01 19.33 -14.83
C LEU A 319 -9.69 19.92 -15.32
N VAL A 320 -8.72 20.07 -14.42
CA VAL A 320 -7.41 20.62 -14.75
C VAL A 320 -6.35 19.76 -14.07
N GLN A 321 -5.14 19.78 -14.63
CA GLN A 321 -4.12 18.81 -14.26
C GLN A 321 -3.17 19.37 -13.21
N ARG A 322 -2.90 18.58 -12.18
CA ARG A 322 -1.96 18.97 -11.13
C ARG A 322 -0.53 18.92 -11.66
N PRO A 323 0.40 19.61 -10.99
CA PRO A 323 1.81 19.51 -11.37
C PRO A 323 2.30 18.08 -11.29
N ASP A 324 3.30 17.75 -12.11
CA ASP A 324 3.79 16.37 -12.17
C ASP A 324 4.77 16.03 -11.05
N SER A 325 4.73 16.78 -9.94
CA SER A 325 5.53 16.51 -8.77
C SER A 325 4.65 16.69 -7.53
N GLY A 326 5.17 16.25 -6.38
CA GLY A 326 4.47 16.45 -5.11
C GLY A 326 3.26 15.55 -4.96
N LEU A 327 2.29 16.04 -4.19
CA LEU A 327 1.10 15.28 -3.84
C LEU A 327 0.23 15.02 -5.07
N LEU A 328 -0.23 13.78 -5.22
CA LEU A 328 -1.20 13.42 -6.26
C LEU A 328 -0.71 13.90 -7.63
N ALA A 329 0.57 13.65 -7.89
CA ALA A 329 1.25 14.27 -9.01
C ALA A 329 0.61 13.88 -10.34
N GLY A 330 0.33 14.89 -11.16
CA GLY A 330 -0.18 14.65 -12.48
C GLY A 330 -1.63 14.21 -12.55
N LEU A 331 -2.31 14.06 -11.42
CA LEU A 331 -3.72 13.70 -11.50
C LEU A 331 -4.56 14.93 -11.83
N TRP A 332 -5.80 14.69 -12.25
CA TRP A 332 -6.72 15.75 -12.63
C TRP A 332 -7.64 16.09 -11.47
N GLU A 333 -8.07 17.34 -11.42
CA GLU A 333 -8.87 17.80 -10.30
C GLU A 333 -9.74 18.97 -10.74
N PHE A 334 -10.77 19.24 -9.96
CA PHE A 334 -11.49 20.48 -10.14
C PHE A 334 -10.56 21.64 -9.73
N PRO A 335 -10.65 22.78 -10.42
CA PRO A 335 -9.75 23.90 -10.12
C PRO A 335 -9.79 24.23 -8.63
N SER A 336 -8.61 24.45 -8.04
CA SER A 336 -8.50 24.60 -6.60
C SER A 336 -7.40 25.57 -6.25
N VAL A 337 -7.52 26.19 -5.08
CA VAL A 337 -6.49 27.07 -4.55
C VAL A 337 -6.20 26.68 -3.10
N THR A 338 -4.95 26.84 -2.72
CA THR A 338 -4.54 26.64 -1.34
C THR A 338 -4.82 27.90 -0.53
N LEU A 339 -5.30 27.72 0.70
CA LEU A 339 -5.63 28.85 1.56
C LEU A 339 -5.08 28.64 2.96
N GLU A 340 -4.65 29.73 3.58
CA GLU A 340 -4.29 29.70 4.99
C GLU A 340 -5.56 29.49 5.81
N PRO A 341 -5.44 28.92 7.01
CA PRO A 341 -6.63 28.66 7.83
C PRO A 341 -7.57 29.85 8.00
N SER A 342 -7.04 31.02 8.35
CA SER A 342 -7.91 32.17 8.62
C SER A 342 -8.70 32.62 7.40
N GLU A 343 -8.27 32.25 6.19
CA GLU A 343 -8.94 32.71 4.98
C GLU A 343 -9.58 31.55 4.21
N GLN A 344 -9.91 30.47 4.92
CA GLN A 344 -10.37 29.25 4.27
C GLN A 344 -11.74 29.38 3.65
N HIS A 345 -12.48 30.44 3.94
CA HIS A 345 -13.81 30.63 3.36
C HIS A 345 -13.83 31.71 2.28
N GLN A 346 -12.67 32.27 1.93
CA GLN A 346 -12.62 33.33 0.95
C GLN A 346 -12.88 32.80 -0.47
N HIS A 347 -13.26 33.74 -1.36
CA HIS A 347 -13.57 33.41 -2.74
C HIS A 347 -12.61 34.05 -3.74
N LYS A 348 -11.84 35.06 -3.32
CA LYS A 348 -11.06 35.89 -4.25
C LYS A 348 -10.11 35.04 -5.09
N ALA A 349 -9.23 34.28 -4.42
CA ALA A 349 -8.24 33.50 -5.15
C ALA A 349 -8.89 32.41 -6.00
N LEU A 350 -9.96 31.79 -5.48
CA LEU A 350 -10.65 30.77 -6.25
C LEU A 350 -11.20 31.34 -7.55
N LEU A 351 -11.89 32.47 -7.48
CA LEU A 351 -12.45 33.08 -8.68
C LEU A 351 -11.35 33.49 -9.66
N GLN A 352 -10.19 33.93 -9.16
CA GLN A 352 -9.07 34.24 -10.05
C GLN A 352 -8.59 32.99 -10.77
N GLU A 353 -8.48 31.87 -10.05
CA GLU A 353 -8.09 30.61 -10.68
C GLU A 353 -9.12 30.16 -11.71
N LEU A 354 -10.40 30.26 -11.36
CA LEU A 354 -11.47 29.87 -12.29
C LEU A 354 -11.39 30.67 -13.59
N GLN A 355 -11.16 31.98 -13.49
CA GLN A 355 -11.09 32.81 -14.68
C GLN A 355 -9.88 32.49 -15.55
N ARG A 356 -8.81 31.94 -14.97
CA ARG A 356 -7.71 31.44 -15.79
C ARG A 356 -8.21 30.47 -16.86
N TRP A 357 -9.10 29.56 -16.47
CA TRP A 357 -9.55 28.50 -17.36
C TRP A 357 -10.85 28.80 -18.09
N CYS A 358 -11.61 29.79 -17.64
CA CYS A 358 -12.93 30.04 -18.21
C CYS A 358 -13.08 31.40 -18.87
N GLY A 359 -12.10 32.28 -18.76
CA GLY A 359 -12.30 33.66 -19.14
C GLY A 359 -13.17 34.33 -18.10
N PRO A 360 -13.68 35.52 -18.42
CA PRO A 360 -14.47 36.28 -17.44
C PRO A 360 -15.71 35.51 -17.01
N LEU A 361 -15.92 35.42 -15.70
CA LEU A 361 -17.00 34.67 -15.12
C LEU A 361 -17.98 35.56 -14.37
N PRO A 362 -19.28 35.29 -14.47
CA PRO A 362 -20.22 35.92 -13.53
C PRO A 362 -20.04 35.36 -12.14
N ALA A 363 -19.24 36.05 -11.32
CA ALA A 363 -18.89 35.60 -9.98
C ALA A 363 -20.06 35.59 -9.00
N ILE A 364 -21.24 36.02 -9.44
CA ILE A 364 -22.43 35.97 -8.58
C ILE A 364 -22.95 34.54 -8.43
N ARG A 365 -22.66 33.67 -9.38
CA ARG A 365 -23.22 32.32 -9.41
C ARG A 365 -22.50 31.34 -8.50
N LEU A 366 -21.45 31.76 -7.80
CA LEU A 366 -20.63 30.85 -7.02
C LEU A 366 -21.41 30.35 -5.81
N GLN A 367 -21.71 29.05 -5.78
CA GLN A 367 -22.57 28.46 -4.75
C GLN A 367 -21.72 27.63 -3.80
N HIS A 368 -21.79 27.95 -2.51
CA HIS A 368 -21.09 27.16 -1.50
C HIS A 368 -21.92 25.92 -1.19
N LEU A 369 -21.35 24.74 -1.38
CA LEU A 369 -22.06 23.49 -1.17
C LEU A 369 -21.82 22.88 0.21
N GLY A 370 -20.64 23.03 0.76
CA GLY A 370 -20.26 22.38 1.99
C GLY A 370 -18.76 22.16 2.01
N GLU A 371 -18.35 21.18 2.82
CA GLU A 371 -16.92 20.92 2.98
C GLU A 371 -16.66 19.43 2.91
N VAL A 372 -15.45 19.10 2.47
CA VAL A 372 -14.99 17.72 2.35
C VAL A 372 -13.66 17.64 3.09
N ILE A 373 -13.58 16.78 4.10
CA ILE A 373 -12.34 16.52 4.82
C ILE A 373 -11.75 15.24 4.26
N HIS A 374 -10.50 15.29 3.79
CA HIS A 374 -9.83 14.13 3.21
C HIS A 374 -8.53 13.88 3.94
N ILE A 375 -8.36 12.66 4.46
CA ILE A 375 -7.22 12.28 5.28
C ILE A 375 -6.23 11.54 4.40
N PHE A 376 -5.06 12.15 4.19
CA PHE A 376 -3.88 11.45 3.71
C PHE A 376 -3.10 10.92 4.92
N SER A 377 -2.09 10.07 4.64
CA SER A 377 -1.26 9.57 5.72
C SER A 377 -0.59 10.70 6.50
N HIS A 378 -0.33 11.83 5.85
CA HIS A 378 0.46 12.89 6.45
C HIS A 378 -0.22 14.24 6.44
N ILE A 379 -1.41 14.36 5.88
CA ILE A 379 -2.14 15.62 5.76
C ILE A 379 -3.62 15.37 6.01
N LYS A 380 -4.23 16.22 6.84
CA LYS A 380 -5.68 16.33 6.92
C LYS A 380 -6.10 17.55 6.11
N LEU A 381 -6.69 17.32 4.94
CA LEU A 381 -7.00 18.41 4.00
C LEU A 381 -8.50 18.68 4.02
N THR A 382 -8.85 19.94 4.29
CA THR A 382 -10.24 20.38 4.30
C THR A 382 -10.51 21.22 3.05
N TYR A 383 -11.48 20.80 2.24
CA TYR A 383 -11.91 21.54 1.07
C TYR A 383 -13.20 22.28 1.39
N GLN A 384 -13.22 23.59 1.14
CA GLN A 384 -14.49 24.27 0.95
C GLN A 384 -14.90 24.03 -0.49
N VAL A 385 -16.10 23.48 -0.71
CA VAL A 385 -16.51 23.02 -2.02
C VAL A 385 -17.57 23.97 -2.57
N TYR A 386 -17.39 24.38 -3.82
CA TYR A 386 -18.31 25.26 -4.51
C TYR A 386 -18.71 24.64 -5.84
N SER A 387 -19.72 25.25 -6.46
CA SER A 387 -20.11 24.95 -7.82
C SER A 387 -20.47 26.24 -8.51
N LEU A 388 -20.20 26.31 -9.82
CA LEU A 388 -20.56 27.45 -10.64
C LEU A 388 -21.15 26.91 -11.93
N ALA A 389 -22.45 27.10 -12.13
CA ALA A 389 -23.16 26.54 -13.28
C ALA A 389 -23.27 27.61 -14.36
N LEU A 390 -22.65 27.36 -15.51
CA LEU A 390 -22.72 28.28 -16.63
C LEU A 390 -23.93 27.98 -17.50
N ASP A 391 -24.48 29.04 -18.11
CA ASP A 391 -25.60 28.88 -19.04
C ASP A 391 -25.14 28.41 -20.41
N GLN A 392 -23.86 28.55 -20.75
CA GLN A 392 -23.35 28.22 -22.07
C GLN A 392 -21.85 27.96 -21.94
N ALA A 393 -21.23 27.58 -23.07
CA ALA A 393 -19.81 27.31 -23.09
C ALA A 393 -19.02 28.57 -22.72
N PRO A 394 -17.77 28.41 -22.30
CA PRO A 394 -16.92 29.59 -22.07
C PRO A 394 -16.81 30.43 -23.34
N ALA A 395 -16.62 31.73 -23.15
CA ALA A 395 -16.61 32.65 -24.29
C ALA A 395 -15.44 32.36 -25.22
N SER A 396 -14.25 32.14 -24.65
CA SER A 396 -13.07 31.80 -25.43
C SER A 396 -12.92 30.29 -25.57
N THR A 397 -12.16 29.89 -26.57
CA THR A 397 -11.86 28.47 -26.74
C THR A 397 -11.22 27.91 -25.48
N ALA A 398 -11.48 26.64 -25.21
CA ALA A 398 -10.99 26.03 -23.97
C ALA A 398 -9.47 26.07 -23.94
N PRO A 399 -8.87 26.60 -22.88
CA PRO A 399 -7.41 26.73 -22.84
C PRO A 399 -6.74 25.37 -22.88
N PRO A 400 -5.47 25.31 -23.27
CA PRO A 400 -4.69 24.08 -23.09
C PRO A 400 -4.64 23.71 -21.61
N GLY A 401 -4.73 22.41 -21.34
CA GLY A 401 -4.75 21.93 -19.97
C GLY A 401 -6.12 21.88 -19.32
N ALA A 402 -7.14 22.46 -19.95
CA ALA A 402 -8.51 22.35 -19.47
C ALA A 402 -9.19 21.17 -20.15
N ARG A 403 -9.89 20.37 -19.36
CA ARG A 403 -10.69 19.27 -19.89
C ARG A 403 -12.13 19.43 -19.43
N TRP A 404 -13.07 19.37 -20.36
CA TRP A 404 -14.49 19.39 -20.03
C TRP A 404 -15.03 17.98 -20.23
N LEU A 405 -15.42 17.33 -19.14
CA LEU A 405 -15.79 15.92 -19.14
C LEU A 405 -17.26 15.73 -18.80
N THR A 406 -17.86 14.70 -19.39
CA THR A 406 -19.16 14.27 -18.89
C THR A 406 -18.99 13.69 -17.48
N TRP A 407 -20.12 13.50 -16.79
CA TRP A 407 -20.05 12.92 -15.45
C TRP A 407 -19.39 11.54 -15.49
N GLU A 408 -19.70 10.75 -16.52
CA GLU A 408 -19.14 9.40 -16.60
C GLU A 408 -17.64 9.44 -16.92
N GLU A 409 -17.22 10.36 -17.79
CA GLU A 409 -15.80 10.48 -18.05
C GLU A 409 -15.03 10.87 -16.78
N PHE A 410 -15.60 11.77 -15.99
CA PHE A 410 -14.93 12.13 -14.74
C PHE A 410 -14.79 10.91 -13.84
N CYS A 411 -15.87 10.15 -13.68
CA CYS A 411 -15.83 8.98 -12.81
C CYS A 411 -14.79 7.97 -13.25
N ASN A 412 -14.41 7.96 -14.54
CA ASN A 412 -13.40 7.03 -15.04
C ASN A 412 -12.05 7.70 -15.26
N ALA A 413 -11.87 8.94 -14.82
CA ALA A 413 -10.68 9.68 -15.16
C ALA A 413 -9.59 9.46 -14.10
N ALA A 414 -8.40 10.00 -14.36
CA ALA A 414 -7.27 9.89 -13.46
C ALA A 414 -7.36 10.96 -12.37
N VAL A 415 -8.22 10.70 -11.38
CA VAL A 415 -8.52 11.67 -10.33
C VAL A 415 -8.37 11.00 -8.96
N SER A 416 -8.09 11.82 -7.95
CA SER A 416 -8.00 11.27 -6.61
C SER A 416 -9.39 11.07 -6.00
N THR A 417 -9.42 10.24 -4.96
CA THR A 417 -10.67 9.98 -4.24
C THR A 417 -11.20 11.26 -3.62
N ALA A 418 -10.33 12.16 -3.18
CA ALA A 418 -10.79 13.46 -2.68
C ALA A 418 -11.68 14.15 -3.71
N MET A 419 -11.27 14.12 -4.98
CA MET A 419 -12.06 14.79 -6.01
C MET A 419 -13.35 14.06 -6.31
N LYS A 420 -13.36 12.73 -6.12
CA LYS A 420 -14.62 11.99 -6.24
C LYS A 420 -15.59 12.35 -5.11
N LYS A 421 -15.08 12.61 -3.90
CA LYS A 421 -15.96 13.09 -2.85
C LYS A 421 -16.50 14.48 -3.17
N VAL A 422 -15.65 15.34 -3.72
CA VAL A 422 -16.09 16.67 -4.15
C VAL A 422 -17.17 16.55 -5.20
N PHE A 423 -16.97 15.65 -6.18
CA PHE A 423 -17.97 15.45 -7.22
C PHE A 423 -19.28 14.93 -6.65
N ARG A 424 -19.19 13.99 -5.71
CA ARG A 424 -20.42 13.46 -5.10
C ARG A 424 -21.16 14.55 -4.33
N MET A 425 -20.45 15.52 -3.73
CA MET A 425 -21.14 16.62 -3.08
C MET A 425 -21.83 17.51 -4.11
N TYR A 426 -21.15 17.76 -5.24
CA TYR A 426 -21.75 18.55 -6.32
C TYR A 426 -22.96 17.87 -6.91
N GLU A 427 -22.90 16.55 -7.10
CA GLU A 427 -24.05 15.83 -7.67
C GLU A 427 -25.24 15.85 -6.72
N ASP A 428 -24.99 15.77 -5.41
CA ASP A 428 -26.08 15.75 -4.43
C ASP A 428 -26.81 17.08 -4.39
N HIS A 429 -26.07 18.19 -4.33
CA HIS A 429 -26.69 19.50 -4.24
C HIS A 429 -27.28 19.99 -5.55
N ARG A 430 -26.99 19.33 -6.67
CA ARG A 430 -27.54 19.75 -7.94
C ARG A 430 -29.02 19.41 -8.02
N GLN A 431 -29.80 20.30 -8.64
CA GLN A 431 -31.23 20.07 -8.83
C GLN A 431 -31.60 20.15 -10.31
P 8OG B 8 0.41 10.35 -3.26
OP1 8OG B 8 0.35 9.52 -4.50
OP2 8OG B 8 -0.06 11.77 -3.42
O5' 8OG B 8 -0.36 9.69 -2.02
C5' 8OG B 8 -1.64 10.18 -1.60
C4' 8OG B 8 -2.70 9.18 -2.05
O4' 8OG B 8 -2.47 7.88 -1.46
C3' 8OG B 8 -4.13 9.56 -1.69
O3' 8OG B 8 -4.93 8.96 -2.72
C2' 8OG B 8 -4.35 8.83 -0.34
C1' 8OG B 8 -3.53 7.56 -0.56
N9 8OG B 8 -2.91 6.98 0.61
C8 8OG B 8 -2.34 7.61 1.82
N7 8OG B 8 -1.82 6.64 2.61
C5 8OG B 8 -2.02 5.40 1.96
C6 8OG B 8 -1.70 4.06 2.29
O6 8OG B 8 -1.12 3.78 3.34
N1 8OG B 8 -2.02 3.06 1.45
C2 8OG B 8 -2.65 3.38 0.28
N2 8OG B 8 -2.97 2.40 -0.56
N3 8OG B 8 -2.99 4.61 -0.10
C4 8OG B 8 -2.67 5.61 0.75
O8 8OG B 8 -2.35 8.80 2.05
O5' 3DR C 8 -1.09 -7.53 2.65
P 3DR C 8 -2.33 -7.24 3.61
OP1 3DR C 8 -3.57 -7.42 2.81
OP2 3DR C 8 -2.15 -8.06 4.82
C2' 3DR C 8 2.94 -6.18 0.60
C5' 3DR C 8 -0.33 -6.47 2.07
C4' 3DR C 8 1.14 -6.86 2.08
O4' 3DR C 8 1.38 -7.85 1.07
C1' 3DR C 8 2.69 -7.68 0.60
C3' 3DR C 8 2.12 -5.72 1.81
O3' 3DR C 8 2.94 -5.52 2.95
FE1 SF4 D . 0.32 -18.05 16.28
FE2 SF4 D . 0.63 -15.37 16.33
FE3 SF4 D . 1.93 -16.92 18.12
FE4 SF4 D . -0.74 -16.62 18.37
S1 SF4 D . 0.86 -14.99 18.62
S2 SF4 D . 0.38 -18.56 18.53
S3 SF4 D . -1.33 -16.50 16.14
S4 SF4 D . 2.21 -16.88 15.86
ZN ZN E . 15.55 -10.74 25.11
S SO4 F . 13.76 -18.28 -19.79
O1 SO4 F . 13.66 -18.61 -18.36
O2 SO4 F . 13.77 -16.82 -20.00
O3 SO4 F . 14.98 -18.84 -20.33
O4 SO4 F . 12.59 -18.83 -20.49
C1 GOL G . -5.17 24.36 -9.84
O1 GOL G . -6.18 23.42 -9.60
C2 GOL G . -4.71 24.17 -11.30
O2 GOL G . -3.82 25.16 -11.70
C3 GOL G . -4.10 22.76 -11.35
O3 GOL G . -3.34 22.59 -10.20
S SO4 H . 10.15 -8.78 29.97
O1 SO4 H . 11.47 -9.39 29.82
O2 SO4 H . 10.29 -7.34 30.20
O3 SO4 H . 9.48 -9.39 31.11
O4 SO4 H . 9.37 -9.00 28.77
S SO4 I . -13.33 37.25 -0.51
O1 SO4 I . -13.15 37.54 0.92
O2 SO4 I . -13.15 38.47 -1.29
O3 SO4 I . -12.32 36.29 -0.94
O4 SO4 I . -14.67 36.71 -0.72
S SO4 J . 6.64 -13.12 -24.74
O1 SO4 J . 7.90 -12.47 -24.39
O2 SO4 J . 5.79 -13.17 -23.56
O3 SO4 J . 6.90 -14.47 -25.22
O4 SO4 J . 5.97 -12.35 -25.79
S SO4 K . -23.06 8.90 -11.75
O1 SO4 K . -24.48 9.23 -11.63
O2 SO4 K . -22.28 9.85 -10.95
O3 SO4 K . -22.64 8.97 -13.14
O4 SO4 K . -22.83 7.54 -11.24
S SO4 L . -25.59 12.20 -16.59
O1 SO4 L . -25.06 11.54 -15.41
O2 SO4 L . -26.39 13.36 -16.21
O3 SO4 L . -26.43 11.25 -17.33
O4 SO4 L . -24.48 12.62 -17.44
#